data_6LQY
#
_entry.id   6LQY
#
_cell.length_a   49.564
_cell.length_b   91.463
_cell.length_c   130.844
_cell.angle_alpha   90.000
_cell.angle_beta   90.000
_cell.angle_gamma   90.000
#
_symmetry.space_group_name_H-M   'P 21 21 21'
#
loop_
_entity.id
_entity.type
_entity.pdbx_description
1 polymer 'PREDICTED: (R)-mandelonitrile lyase'
2 non-polymer 2-acetamido-2-deoxy-beta-D-glucopyranose
3 non-polymer 'FLAVIN-ADENINE DINUCLEOTIDE'
4 non-polymer benzaldehyde
5 water water
#
_entity_poly.entity_id   1
_entity_poly.type   'polypeptide(L)'
_entity_poly.pdbx_seq_one_letter_code
;HHHHHHLANTSAHDFSYLKFVYNATDTSLEGSYDYIVIGGGTSGCPLAATLSEKYKVLLLERGTIATEYPNTLTADGFAY
NLQQQDDGKTPVERFVSEDGIDNVRARILGGTTIINAGVYARANISFYSQTGIEWDLDLVNKTYEWVEDAIVVKPNNQSW
QSVIGEGFLEAGILPDNGFSLDHEAGTRLTGSTFDNNGTRHAADELLNKGDPNNLLVAVQASVEKILFSSNTSNLSAIGV
IYTDSDGNSHQAFVRGNGEVIVSAGTIGTPQLLLLSGVGPESYLSSLNITVVQPNPYVGQFVYDNPRNFINILPPNPIEA
SVVTVLGIRSDYYQVSLSSLPFSTPPFSLFPTTSYPLPNSTFAHIVSQVPGPLSHGSVTLNSSSDVRIAPNIKFNYYSNS
TDLANCVSGMKKLGDLLRTKALEPYKARDVLGIDGFNYLGVPLPENQTDDASFETFCLDNVASYWHYHGGSLVGKVLDDS
FRVMGIKALRVVDASTFPYEPNSHPQGFYLMLGRYVGLQILQERSIRLEAIHNIQESM
;
_entity_poly.pdbx_strand_id   A
#
# COMPACT_ATOMS: atom_id res chain seq x y z
N HIS A 3 7.38 22.18 13.00
CA HIS A 3 6.50 21.30 12.24
C HIS A 3 6.93 19.83 12.35
N HIS A 4 7.99 19.57 13.12
CA HIS A 4 8.43 18.21 13.40
C HIS A 4 8.53 17.91 14.88
N HIS A 5 8.08 18.83 15.75
CA HIS A 5 8.11 18.59 17.19
C HIS A 5 7.36 17.32 17.58
N HIS A 6 6.36 16.95 16.79
CA HIS A 6 5.38 15.95 17.18
C HIS A 6 5.77 14.53 16.80
N LEU A 7 6.87 14.34 16.07
CA LEU A 7 7.19 13.02 15.53
C LEU A 7 7.38 12.02 16.67
N ALA A 8 7.12 10.75 16.36
CA ALA A 8 7.27 9.68 17.32
C ALA A 8 8.73 9.49 17.73
N ASN A 9 8.92 8.87 18.89
CA ASN A 9 10.22 8.50 19.42
C ASN A 9 10.48 7.01 19.17
N THR A 10 11.74 6.61 19.33
CA THR A 10 12.07 5.19 19.36
C THR A 10 11.33 4.53 20.53
N SER A 11 10.68 3.41 20.25
CA SER A 11 9.85 2.74 21.25
C SER A 11 9.49 1.36 20.74
N ALA A 12 9.16 0.46 21.67
CA ALA A 12 8.71 -0.86 21.28
C ALA A 12 7.39 -0.76 20.53
N HIS A 13 7.12 -1.77 19.70
CA HIS A 13 5.82 -1.83 19.05
C HIS A 13 4.74 -2.01 20.10
N ASP A 14 3.74 -1.13 20.08
CA ASP A 14 2.72 -1.07 21.13
C ASP A 14 1.55 -1.99 20.79
N PHE A 15 1.50 -3.15 21.46
CA PHE A 15 0.42 -4.12 21.30
C PHE A 15 -0.64 -4.03 22.41
N SER A 16 -0.78 -2.87 23.04
CA SER A 16 -1.76 -2.76 24.13
C SER A 16 -3.16 -3.09 23.64
N TYR A 17 -3.46 -2.77 22.38
CA TYR A 17 -4.78 -2.99 21.80
C TYR A 17 -5.20 -4.46 21.79
N LEU A 18 -4.28 -5.39 21.99
CA LEU A 18 -4.65 -6.81 21.98
C LEU A 18 -5.68 -7.13 23.08
N LYS A 19 -5.82 -6.25 24.07
CA LYS A 19 -6.85 -6.44 25.09
C LYS A 19 -8.26 -6.46 24.53
N PHE A 20 -8.49 -5.93 23.33
CA PHE A 20 -9.83 -6.01 22.72
C PHE A 20 -9.79 -6.68 21.35
N VAL A 21 -8.81 -7.56 21.14
CA VAL A 21 -8.71 -8.37 19.93
C VAL A 21 -9.13 -9.79 20.29
N TYR A 22 -10.03 -10.37 19.48
CA TYR A 22 -10.60 -11.68 19.75
C TYR A 22 -10.57 -12.54 18.49
N ASN A 23 -10.52 -13.86 18.70
CA ASN A 23 -10.67 -14.83 17.62
C ASN A 23 -12.10 -14.76 17.07
N ALA A 24 -12.24 -14.75 15.74
CA ALA A 24 -13.56 -14.74 15.13
C ALA A 24 -14.38 -15.99 15.43
N THR A 25 -13.77 -17.02 16.01
CA THR A 25 -14.55 -18.17 16.50
C THR A 25 -15.49 -17.81 17.63
N ASP A 26 -15.33 -16.64 18.27
CA ASP A 26 -16.13 -16.26 19.43
C ASP A 26 -17.49 -15.74 18.95
N THR A 27 -18.55 -16.53 19.13
CA THR A 27 -19.87 -16.15 18.63
C THR A 27 -20.45 -14.96 19.39
N SER A 28 -19.93 -14.65 20.56
CA SER A 28 -20.47 -13.50 21.27
C SER A 28 -20.11 -12.19 20.60
N LEU A 29 -19.21 -12.21 19.60
CA LEU A 29 -18.97 -11.02 18.79
C LEU A 29 -20.13 -10.75 17.82
N GLU A 30 -20.97 -11.75 17.56
CA GLU A 30 -22.10 -11.56 16.67
C GLU A 30 -23.14 -10.68 17.34
N GLY A 31 -23.75 -9.81 16.57
CA GLY A 31 -24.74 -8.90 17.10
C GLY A 31 -24.70 -7.59 16.34
N SER A 32 -25.23 -6.54 16.98
CA SER A 32 -25.38 -5.26 16.31
C SER A 32 -24.39 -4.24 16.85
N TYR A 33 -23.84 -3.46 15.93
CA TYR A 33 -22.85 -2.43 16.21
C TYR A 33 -23.28 -1.13 15.56
N ASP A 34 -22.62 -0.04 15.91
CA ASP A 34 -22.85 1.19 15.16
C ASP A 34 -22.10 1.18 13.84
N TYR A 35 -20.87 0.67 13.83
CA TYR A 35 -20.07 0.61 12.61
C TYR A 35 -19.38 -0.74 12.51
N ILE A 36 -19.32 -1.27 11.30
CA ILE A 36 -18.51 -2.44 10.98
C ILE A 36 -17.50 -2.01 9.93
N VAL A 37 -16.22 -2.21 10.22
CA VAL A 37 -15.14 -1.91 9.29
C VAL A 37 -14.55 -3.24 8.83
N ILE A 38 -14.50 -3.45 7.51
CA ILE A 38 -14.04 -4.69 6.88
C ILE A 38 -12.61 -4.47 6.42
N GLY A 39 -11.66 -5.12 7.09
CA GLY A 39 -10.26 -4.99 6.71
C GLY A 39 -9.49 -4.14 7.73
N GLY A 40 -8.67 -4.78 8.54
CA GLY A 40 -7.91 -4.09 9.57
C GLY A 40 -6.56 -3.66 9.03
N GLY A 41 -6.58 -2.83 8.00
CA GLY A 41 -5.36 -2.45 7.31
C GLY A 41 -5.00 -0.99 7.46
N THR A 42 -4.33 -0.45 6.42
CA THR A 42 -3.75 0.89 6.48
C THR A 42 -4.82 1.94 6.77
N SER A 43 -5.93 1.92 6.02
CA SER A 43 -7.02 2.85 6.31
C SER A 43 -7.96 2.32 7.38
N GLY A 44 -8.17 1.00 7.41
CA GLY A 44 -9.20 0.43 8.27
C GLY A 44 -8.90 0.61 9.74
N CYS A 45 -7.64 0.45 10.16
CA CYS A 45 -7.33 0.59 11.59
C CYS A 45 -7.59 2.01 12.09
N PRO A 46 -7.05 3.08 11.48
CA PRO A 46 -7.35 4.41 12.02
C PRO A 46 -8.81 4.79 11.85
N LEU A 47 -9.48 4.25 10.83
CA LEU A 47 -10.92 4.50 10.68
C LEU A 47 -11.68 3.92 11.86
N ALA A 48 -11.41 2.65 12.20
CA ALA A 48 -12.12 1.99 13.29
C ALA A 48 -11.81 2.67 14.62
N ALA A 49 -10.54 3.01 14.85
CA ALA A 49 -10.17 3.68 16.11
C ALA A 49 -10.89 5.01 16.24
N THR A 50 -10.97 5.76 15.15
CA THR A 50 -11.61 7.07 15.18
C THR A 50 -13.10 6.95 15.48
N LEU A 51 -13.79 6.04 14.78
CA LEU A 51 -15.23 5.88 15.02
C LEU A 51 -15.50 5.44 16.45
N SER A 52 -14.61 4.65 17.04
CA SER A 52 -14.82 4.12 18.39
C SER A 52 -14.73 5.20 19.45
N GLU A 53 -14.29 6.42 19.10
CA GLU A 53 -14.29 7.50 20.08
C GLU A 53 -15.70 7.78 20.60
N LYS A 54 -16.71 7.53 19.77
CA LYS A 54 -18.10 7.81 20.12
C LYS A 54 -19.05 6.64 19.95
N TYR A 55 -18.71 5.62 19.18
CA TYR A 55 -19.68 4.61 18.78
C TYR A 55 -19.09 3.21 18.94
N LYS A 56 -19.97 2.20 18.96
CA LYS A 56 -19.54 0.81 19.05
C LYS A 56 -19.13 0.31 17.66
N VAL A 57 -17.89 -0.17 17.57
CA VAL A 57 -17.28 -0.53 16.29
C VAL A 57 -16.82 -1.98 16.34
N LEU A 58 -17.09 -2.72 15.27
CA LEU A 58 -16.50 -4.04 15.06
C LEU A 58 -15.57 -3.96 13.85
N LEU A 59 -14.28 -4.24 14.07
CA LEU A 59 -13.29 -4.33 12.99
C LEU A 59 -13.03 -5.80 12.68
N LEU A 60 -13.17 -6.19 11.40
CA LEU A 60 -13.01 -7.57 10.96
C LEU A 60 -11.78 -7.68 10.06
N GLU A 61 -10.83 -8.52 10.44
CA GLU A 61 -9.61 -8.72 9.68
C GLU A 61 -9.39 -10.21 9.40
N ARG A 62 -9.11 -10.55 8.14
CA ARG A 62 -8.97 -11.96 7.77
C ARG A 62 -7.67 -12.59 8.28
N GLY A 63 -6.62 -11.79 8.46
CA GLY A 63 -5.36 -12.31 8.95
C GLY A 63 -5.30 -12.36 10.47
N THR A 64 -4.17 -12.84 10.98
CA THR A 64 -3.99 -12.95 12.43
C THR A 64 -3.24 -11.72 12.95
N ILE A 65 -2.73 -11.80 14.19
CA ILE A 65 -2.03 -10.68 14.80
C ILE A 65 -0.54 -10.79 14.49
N ALA A 66 0.15 -9.64 14.45
CA ALA A 66 1.52 -9.60 13.97
C ALA A 66 2.50 -10.29 14.91
N THR A 67 2.15 -10.46 16.19
CA THR A 67 3.02 -11.18 17.11
C THR A 67 3.26 -12.62 16.67
N GLU A 68 2.39 -13.16 15.81
CA GLU A 68 2.54 -14.51 15.31
C GLU A 68 3.67 -14.63 14.29
N TYR A 69 4.10 -13.51 13.70
CA TYR A 69 5.13 -13.47 12.68
C TYR A 69 6.13 -12.39 13.06
N PRO A 70 7.06 -12.71 13.97
CA PRO A 70 7.93 -11.66 14.54
C PRO A 70 8.80 -10.94 13.54
N ASN A 71 9.09 -11.53 12.39
CA ASN A 71 9.91 -10.84 11.40
C ASN A 71 9.16 -9.70 10.72
N THR A 72 7.85 -9.55 10.96
CA THR A 72 7.17 -8.34 10.52
C THR A 72 7.46 -7.14 11.41
N LEU A 73 8.17 -7.30 12.52
CA LEU A 73 8.25 -6.24 13.52
C LEU A 73 9.60 -5.52 13.53
N THR A 74 10.49 -5.85 12.60
CA THR A 74 11.81 -5.21 12.52
C THR A 74 12.14 -4.85 11.07
N ALA A 75 12.93 -3.81 10.91
CA ALA A 75 13.44 -3.49 9.57
C ALA A 75 14.25 -4.66 9.01
N ASP A 76 15.01 -5.36 9.87
CA ASP A 76 15.84 -6.47 9.40
C ASP A 76 15.02 -7.60 8.82
N GLY A 77 13.73 -7.69 9.15
CA GLY A 77 12.92 -8.78 8.69
C GLY A 77 12.14 -8.54 7.43
N PHE A 78 12.32 -7.38 6.79
CA PHE A 78 11.55 -7.04 5.60
C PHE A 78 11.62 -8.14 4.55
N ALA A 79 12.84 -8.55 4.18
CA ALA A 79 12.98 -9.55 3.14
C ALA A 79 12.39 -10.89 3.56
N TYR A 80 12.54 -11.23 4.85
CA TYR A 80 12.10 -12.53 5.35
C TYR A 80 10.63 -12.79 5.02
N ASN A 81 9.77 -11.80 5.23
CA ASN A 81 8.34 -12.04 5.04
C ASN A 81 8.01 -12.29 3.59
N LEU A 82 8.77 -11.67 2.67
CA LEU A 82 8.59 -11.91 1.24
C LEU A 82 9.22 -13.23 0.82
N GLN A 83 10.30 -13.65 1.48
CA GLN A 83 10.94 -14.93 1.16
C GLN A 83 10.10 -16.11 1.63
N GLN A 84 9.31 -15.89 2.68
CA GLN A 84 8.52 -16.95 3.30
C GLN A 84 7.46 -17.46 2.34
N GLN A 85 7.32 -18.78 2.27
CA GLN A 85 6.30 -19.39 1.42
C GLN A 85 4.90 -19.03 1.91
N ASP A 86 3.99 -18.83 0.98
CA ASP A 86 2.60 -18.47 1.28
C ASP A 86 1.81 -19.74 1.53
N ASP A 87 1.48 -20.00 2.79
CA ASP A 87 0.72 -21.18 3.19
C ASP A 87 -0.74 -20.88 3.48
N GLY A 88 -1.22 -19.70 3.10
CA GLY A 88 -2.59 -19.28 3.34
C GLY A 88 -2.82 -18.56 4.65
N LYS A 89 -1.83 -18.60 5.55
CA LYS A 89 -1.93 -17.99 6.87
C LYS A 89 -0.86 -16.92 7.11
N THR A 90 0.15 -16.84 6.23
CA THR A 90 1.27 -15.94 6.42
C THR A 90 0.84 -14.49 6.18
N PRO A 91 1.63 -13.54 6.70
CA PRO A 91 1.25 -12.12 6.53
C PRO A 91 1.38 -11.63 5.12
N VAL A 92 2.14 -12.30 4.26
CA VAL A 92 2.30 -11.92 2.87
C VAL A 92 1.52 -12.94 2.05
N GLU A 93 0.56 -12.46 1.27
CA GLU A 93 -0.13 -13.28 0.30
C GLU A 93 0.46 -13.01 -1.08
N ARG A 94 0.92 -14.08 -1.76
CA ARG A 94 1.52 -13.95 -3.07
C ARG A 94 0.46 -13.97 -4.17
N PHE A 95 0.69 -13.20 -5.23
CA PHE A 95 -0.14 -13.35 -6.42
C PHE A 95 0.68 -12.97 -7.65
N VAL A 96 0.15 -13.31 -8.82
CA VAL A 96 0.75 -12.93 -10.09
C VAL A 96 -0.33 -12.25 -10.91
N SER A 97 -0.06 -11.05 -11.37
CA SER A 97 -1.06 -10.40 -12.21
C SER A 97 -1.16 -11.15 -13.54
N GLU A 98 -2.25 -10.90 -14.26
CA GLU A 98 -2.43 -11.54 -15.57
C GLU A 98 -1.39 -11.06 -16.58
N ASP A 99 -0.70 -9.96 -16.27
CA ASP A 99 0.44 -9.50 -17.06
C ASP A 99 1.67 -10.37 -16.88
N GLY A 100 1.68 -11.22 -15.86
CA GLY A 100 2.83 -12.05 -15.55
C GLY A 100 3.80 -11.49 -14.54
N ILE A 101 3.41 -10.46 -13.78
CA ILE A 101 4.30 -9.80 -12.84
C ILE A 101 3.96 -10.26 -11.42
N ASP A 102 4.95 -10.80 -10.73
CA ASP A 102 4.79 -11.27 -9.35
C ASP A 102 4.50 -10.09 -8.44
N ASN A 103 3.71 -10.34 -7.39
CA ASN A 103 3.22 -9.26 -6.54
C ASN A 103 2.80 -9.87 -5.21
N VAL A 104 2.51 -8.99 -4.23
CA VAL A 104 2.05 -9.44 -2.92
C VAL A 104 1.03 -8.46 -2.37
N ARG A 105 0.18 -8.95 -1.46
CA ARG A 105 -0.64 -8.09 -0.60
C ARG A 105 -0.60 -8.62 0.82
N ALA A 106 -1.03 -7.81 1.77
CA ALA A 106 -0.92 -8.21 3.15
C ALA A 106 -2.14 -9.03 3.60
N ARG A 107 -1.92 -9.83 4.65
CA ARG A 107 -2.96 -10.67 5.24
C ARG A 107 -2.65 -10.74 6.74
N ILE A 108 -2.94 -9.64 7.45
CA ILE A 108 -2.46 -9.47 8.82
C ILE A 108 -3.11 -8.23 9.41
N LEU A 109 -3.32 -8.21 10.73
CA LEU A 109 -3.88 -7.03 11.40
C LEU A 109 -2.84 -5.92 11.42
N GLY A 110 -3.17 -4.79 10.80
CA GLY A 110 -2.21 -3.78 10.41
C GLY A 110 -2.09 -3.64 8.91
N GLY A 111 -2.53 -4.66 8.17
CA GLY A 111 -2.50 -4.60 6.72
C GLY A 111 -1.10 -4.41 6.17
N THR A 112 -1.02 -3.66 5.08
CA THR A 112 0.23 -3.63 4.34
C THR A 112 1.31 -2.82 5.08
N THR A 113 0.92 -1.98 6.05
CA THR A 113 1.93 -1.31 6.88
C THR A 113 2.74 -2.29 7.73
N ILE A 114 2.30 -3.54 7.86
CA ILE A 114 3.06 -4.54 8.62
C ILE A 114 4.12 -5.24 7.78
N ILE A 115 4.08 -5.11 6.45
CA ILE A 115 5.00 -5.84 5.57
C ILE A 115 5.76 -4.92 4.62
N ASN A 116 5.54 -3.61 4.68
CA ASN A 116 6.00 -2.74 3.61
C ASN A 116 7.41 -2.21 3.91
N ALA A 117 7.90 -1.31 3.06
CA ALA A 117 9.27 -0.83 3.17
C ALA A 117 9.40 0.40 4.07
N GLY A 118 8.32 0.82 4.71
CA GLY A 118 8.40 1.80 5.78
C GLY A 118 8.46 3.25 5.37
N VAL A 119 8.51 3.56 4.07
CA VAL A 119 8.72 4.94 3.64
C VAL A 119 7.46 5.75 3.95
N TYR A 120 7.64 6.90 4.61
CA TYR A 120 6.51 7.75 5.00
C TYR A 120 6.60 9.11 4.32
N ALA A 121 5.50 9.50 3.68
CA ALA A 121 5.38 10.80 3.01
C ALA A 121 3.93 11.26 3.07
N ARG A 122 3.75 12.59 3.18
CA ARG A 122 2.44 13.19 3.00
C ARG A 122 2.13 13.36 1.51
N ALA A 123 0.84 13.50 1.19
CA ALA A 123 0.46 13.65 -0.21
C ALA A 123 0.99 14.97 -0.78
N ASN A 124 1.38 14.93 -2.05
CA ASN A 124 1.59 16.11 -2.87
C ASN A 124 0.46 17.12 -2.62
N ILE A 125 0.82 18.34 -2.21
CA ILE A 125 -0.24 19.26 -1.74
C ILE A 125 -1.18 19.68 -2.86
N SER A 126 -0.80 19.48 -4.12
CA SER A 126 -1.68 19.72 -5.26
C SER A 126 -2.72 18.61 -5.45
N PHE A 127 -2.57 17.48 -4.76
CA PHE A 127 -3.46 16.34 -4.97
C PHE A 127 -4.90 16.69 -4.60
N TYR A 128 -5.08 17.44 -3.51
CA TYR A 128 -6.42 17.69 -3.00
C TYR A 128 -7.28 18.45 -4.01
N SER A 129 -6.73 19.51 -4.61
CA SER A 129 -7.50 20.24 -5.60
C SER A 129 -7.67 19.46 -6.89
N GLN A 130 -6.69 18.61 -7.24
CA GLN A 130 -6.84 17.76 -8.43
C GLN A 130 -8.07 16.87 -8.32
N THR A 131 -8.35 16.35 -7.11
CA THR A 131 -9.49 15.46 -6.94
C THR A 131 -10.81 16.18 -7.09
N GLY A 132 -10.85 17.47 -6.75
CA GLY A 132 -12.11 18.20 -6.71
C GLY A 132 -12.95 17.95 -5.47
N ILE A 133 -12.55 17.04 -4.59
CA ILE A 133 -13.24 16.82 -3.33
C ILE A 133 -13.08 18.07 -2.48
N GLU A 134 -14.13 18.43 -1.74
CA GLU A 134 -14.02 19.60 -0.87
C GLU A 134 -13.40 19.17 0.46
N TRP A 135 -12.08 19.00 0.42
CA TRP A 135 -11.33 18.62 1.61
C TRP A 135 -11.32 19.73 2.66
N ASP A 136 -11.39 19.32 3.92
CA ASP A 136 -11.09 20.20 5.05
C ASP A 136 -9.58 20.12 5.26
N LEU A 137 -8.86 21.05 4.61
CA LEU A 137 -7.40 20.95 4.54
C LEU A 137 -6.73 21.12 5.90
N ASP A 138 -7.28 21.97 6.77
CA ASP A 138 -6.73 22.06 8.10
C ASP A 138 -6.85 20.72 8.83
N LEU A 139 -8.00 20.05 8.70
CA LEU A 139 -8.19 18.78 9.37
C LEU A 139 -7.29 17.70 8.77
N VAL A 140 -7.06 17.74 7.45
CA VAL A 140 -6.11 16.82 6.83
C VAL A 140 -4.76 16.91 7.53
N ASN A 141 -4.29 18.13 7.74
CA ASN A 141 -2.96 18.29 8.33
C ASN A 141 -2.94 17.89 9.80
N LYS A 142 -3.99 18.22 10.56
CA LYS A 142 -4.07 17.73 11.93
C LYS A 142 -4.05 16.21 11.98
N THR A 143 -4.67 15.57 10.98
CA THR A 143 -4.77 14.13 10.95
C THR A 143 -3.42 13.48 10.60
N TYR A 144 -2.66 14.09 9.66
CA TYR A 144 -1.28 13.66 9.44
C TYR A 144 -0.49 13.70 10.75
N GLU A 145 -0.65 14.77 11.53
CA GLU A 145 0.12 14.85 12.77
C GLU A 145 -0.31 13.78 13.77
N TRP A 146 -1.59 13.43 13.78
CA TRP A 146 -2.09 12.36 14.67
C TRP A 146 -1.46 11.01 14.32
N VAL A 147 -1.31 10.71 13.03
CA VAL A 147 -0.61 9.49 12.62
C VAL A 147 0.86 9.58 12.97
N GLU A 148 1.49 10.70 12.63
CA GLU A 148 2.94 10.83 12.75
C GLU A 148 3.39 10.79 14.21
N ASP A 149 2.59 11.37 15.11
CA ASP A 149 2.92 11.30 16.53
C ASP A 149 3.00 9.86 17.05
N ALA A 150 2.31 8.93 16.40
CA ALA A 150 2.28 7.55 16.87
C ALA A 150 3.35 6.68 16.23
N ILE A 151 3.64 6.87 14.93
CA ILE A 151 4.39 5.84 14.24
C ILE A 151 5.48 6.32 13.27
N VAL A 152 5.73 7.62 13.14
CA VAL A 152 6.69 8.15 12.17
C VAL A 152 7.87 8.79 12.89
N VAL A 153 9.09 8.47 12.44
CA VAL A 153 10.29 9.10 12.98
C VAL A 153 11.07 9.79 11.88
N LYS A 154 11.97 10.69 12.30
CA LYS A 154 13.03 11.17 11.45
C LYS A 154 14.14 10.11 11.40
N PRO A 155 14.46 9.54 10.24
CA PRO A 155 15.45 8.47 10.20
C PRO A 155 16.84 8.98 10.55
N ASN A 156 17.60 8.10 11.19
CA ASN A 156 19.02 8.37 11.35
C ASN A 156 19.75 8.20 10.02
N ASN A 157 20.99 8.66 9.99
CA ASN A 157 21.83 8.55 8.82
C ASN A 157 22.11 7.09 8.47
N GLN A 158 22.03 6.76 7.18
CA GLN A 158 22.45 5.47 6.65
C GLN A 158 23.40 5.73 5.50
N SER A 159 24.57 5.08 5.52
CA SER A 159 25.61 5.39 4.56
C SER A 159 25.13 5.29 3.11
N TRP A 160 24.43 4.20 2.75
CA TRP A 160 24.01 4.06 1.36
C TRP A 160 22.94 5.09 0.98
N GLN A 161 22.00 5.37 1.90
CA GLN A 161 21.00 6.38 1.60
C GLN A 161 21.64 7.74 1.38
N SER A 162 22.72 8.04 2.10
CA SER A 162 23.41 9.30 1.91
C SER A 162 24.13 9.33 0.57
N VAL A 163 24.73 8.21 0.18
CA VAL A 163 25.38 8.15 -1.14
C VAL A 163 24.36 8.43 -2.24
N ILE A 164 23.20 7.77 -2.19
CA ILE A 164 22.25 7.93 -3.27
C ILE A 164 21.68 9.35 -3.28
N GLY A 165 21.54 9.98 -2.10
CA GLY A 165 21.08 11.36 -2.06
C GLY A 165 22.07 12.32 -2.67
N GLU A 166 23.37 12.15 -2.36
CA GLU A 166 24.39 12.93 -3.04
C GLU A 166 24.35 12.69 -4.54
N GLY A 167 24.11 11.45 -4.96
CA GLY A 167 24.01 11.18 -6.38
C GLY A 167 22.81 11.85 -7.04
N PHE A 168 21.64 11.78 -6.39
CA PHE A 168 20.45 12.44 -6.94
C PHE A 168 20.71 13.92 -7.15
N LEU A 169 21.33 14.57 -6.16
CA LEU A 169 21.60 16.00 -6.26
C LEU A 169 22.59 16.27 -7.39
N GLU A 170 23.68 15.49 -7.44
CA GLU A 170 24.67 15.68 -8.49
C GLU A 170 24.08 15.40 -9.87
N ALA A 171 23.09 14.52 -9.95
CA ALA A 171 22.43 14.21 -11.22
C ALA A 171 21.38 15.24 -11.60
N GLY A 172 21.16 16.24 -10.76
CA GLY A 172 20.27 17.33 -11.09
C GLY A 172 18.87 17.25 -10.51
N ILE A 173 18.61 16.31 -9.60
CA ILE A 173 17.30 16.23 -8.98
C ILE A 173 17.28 17.22 -7.82
N LEU A 174 16.95 18.47 -8.14
CA LEU A 174 17.09 19.62 -7.27
C LEU A 174 15.72 20.21 -7.00
N PRO A 175 15.57 20.98 -5.91
CA PRO A 175 16.61 21.36 -4.95
C PRO A 175 16.85 20.32 -3.86
N ASP A 176 17.82 20.62 -3.00
CA ASP A 176 18.05 19.85 -1.79
C ASP A 176 16.98 20.26 -0.78
N ASN A 177 16.08 19.34 -0.44
CA ASN A 177 15.01 19.67 0.50
C ASN A 177 15.33 19.26 1.92
N GLY A 178 16.53 18.73 2.19
CA GLY A 178 16.86 18.34 3.54
C GLY A 178 15.92 17.26 4.04
N PHE A 179 15.54 17.35 5.32
CA PHE A 179 14.56 16.43 5.90
C PHE A 179 13.17 17.06 5.77
N SER A 180 12.26 16.36 5.10
CA SER A 180 10.91 16.85 4.90
C SER A 180 10.00 15.67 4.63
N LEU A 181 8.79 15.72 5.18
CA LEU A 181 7.76 14.71 4.91
C LEU A 181 6.99 14.98 3.62
N ASP A 182 7.19 16.14 2.99
CA ASP A 182 6.36 16.54 1.87
C ASP A 182 6.84 16.03 0.54
N HIS A 183 5.89 15.61 -0.29
CA HIS A 183 6.18 15.19 -1.66
C HIS A 183 6.37 16.45 -2.52
N GLU A 184 7.62 16.82 -2.73
CA GLU A 184 7.99 17.98 -3.53
C GLU A 184 9.15 17.61 -4.43
N ALA A 185 9.23 18.26 -5.59
CA ALA A 185 10.38 18.07 -6.47
C ALA A 185 11.67 18.32 -5.73
N GLY A 186 12.67 17.50 -6.00
CA GLY A 186 13.98 17.61 -5.40
C GLY A 186 14.35 16.35 -4.64
N THR A 187 15.46 16.44 -3.92
CA THR A 187 15.99 15.32 -3.15
C THR A 187 15.80 15.59 -1.66
N ARG A 188 15.38 14.57 -0.92
CA ARG A 188 15.13 14.77 0.49
C ARG A 188 15.30 13.46 1.26
N LEU A 189 15.52 13.60 2.56
CA LEU A 189 15.28 12.55 3.53
C LEU A 189 13.83 12.67 3.98
N THR A 190 13.07 11.60 3.87
CA THR A 190 11.68 11.64 4.31
C THR A 190 11.55 10.83 5.60
N GLY A 191 10.32 10.72 6.12
CA GLY A 191 10.09 9.96 7.33
C GLY A 191 10.05 8.45 7.08
N SER A 192 10.03 7.70 8.19
CA SER A 192 9.95 6.25 8.12
C SER A 192 9.08 5.74 9.25
N THR A 193 8.37 4.65 8.98
CA THR A 193 7.67 3.94 10.04
C THR A 193 8.52 2.84 10.67
N PHE A 194 9.78 2.71 10.29
CA PHE A 194 10.76 2.01 11.11
C PHE A 194 11.41 3.05 12.01
N ASP A 195 11.53 2.75 13.30
CA ASP A 195 12.17 3.73 14.17
C ASP A 195 13.67 3.53 14.15
N ASN A 196 14.40 4.36 14.91
CA ASN A 196 15.84 4.38 14.76
C ASN A 196 16.53 3.21 15.46
N ASN A 197 15.79 2.35 16.13
CA ASN A 197 16.30 1.07 16.60
C ASN A 197 15.89 -0.07 15.68
N GLY A 198 15.25 0.23 14.55
CA GLY A 198 14.81 -0.79 13.61
C GLY A 198 13.46 -1.40 13.92
N THR A 199 12.75 -0.94 14.93
CA THR A 199 11.44 -1.49 15.25
C THR A 199 10.40 -0.95 14.27
N ARG A 200 9.62 -1.85 13.68
CA ARG A 200 8.55 -1.42 12.78
C ARG A 200 7.34 -0.93 13.57
N HIS A 201 6.85 0.25 13.21
CA HIS A 201 5.58 0.77 13.69
C HIS A 201 4.58 0.78 12.55
N ALA A 202 3.29 0.66 12.88
CA ALA A 202 2.34 0.35 11.81
C ALA A 202 0.93 0.75 12.21
N ALA A 203 0.00 0.54 11.26
CA ALA A 203 -1.38 0.98 11.43
C ALA A 203 -2.07 0.30 12.60
N ASP A 204 -1.66 -0.92 12.96
CA ASP A 204 -2.28 -1.58 14.11
C ASP A 204 -2.10 -0.78 15.38
N GLU A 205 -0.96 -0.09 15.53
CA GLU A 205 -0.75 0.74 16.72
C GLU A 205 -1.73 1.89 16.82
N LEU A 206 -2.34 2.30 15.69
CA LEU A 206 -3.34 3.36 15.78
C LEU A 206 -4.61 2.86 16.44
N LEU A 207 -4.79 1.53 16.54
CA LEU A 207 -5.88 0.98 17.35
C LEU A 207 -5.74 1.40 18.82
N ASN A 208 -4.52 1.69 19.27
CA ASN A 208 -4.33 2.13 20.65
C ASN A 208 -4.97 3.48 20.93
N LYS A 209 -5.29 4.25 19.88
CA LYS A 209 -6.01 5.51 20.05
C LYS A 209 -7.52 5.32 20.07
N GLY A 210 -8.00 4.11 19.86
CA GLY A 210 -9.42 3.84 19.98
C GLY A 210 -9.83 3.77 21.44
N ASP A 211 -11.15 3.82 21.64
CA ASP A 211 -11.71 3.70 22.98
C ASP A 211 -11.90 2.23 23.31
N PRO A 212 -11.19 1.68 24.30
CA PRO A 212 -11.23 0.23 24.53
C PRO A 212 -12.58 -0.28 25.03
N ASN A 213 -13.49 0.62 25.42
CA ASN A 213 -14.84 0.24 25.79
C ASN A 213 -15.77 0.15 24.59
N ASN A 214 -15.37 0.67 23.44
CA ASN A 214 -16.22 0.73 22.27
C ASN A 214 -15.70 -0.05 21.08
N LEU A 215 -14.42 -0.39 21.05
CA LEU A 215 -13.81 -1.03 19.88
C LEU A 215 -13.60 -2.51 20.15
N LEU A 216 -14.09 -3.34 19.23
CA LEU A 216 -13.81 -4.77 19.22
C LEU A 216 -13.19 -5.13 17.88
N VAL A 217 -12.18 -5.99 17.92
CA VAL A 217 -11.49 -6.47 16.73
C VAL A 217 -11.59 -7.99 16.69
N ALA A 218 -12.03 -8.52 15.56
CA ALA A 218 -12.03 -9.96 15.33
C ALA A 218 -10.97 -10.27 14.28
N VAL A 219 -10.03 -11.15 14.62
CA VAL A 219 -9.01 -11.59 13.67
C VAL A 219 -9.33 -12.99 13.16
N GLN A 220 -8.67 -13.35 12.07
CA GLN A 220 -9.03 -14.53 11.27
C GLN A 220 -10.53 -14.55 11.01
N ALA A 221 -11.04 -13.38 10.61
CA ALA A 221 -12.44 -13.15 10.23
C ALA A 221 -12.46 -12.88 8.74
N SER A 222 -12.88 -13.87 7.95
CA SER A 222 -12.91 -13.74 6.49
C SER A 222 -14.31 -13.25 6.10
N VAL A 223 -14.42 -11.97 5.76
CA VAL A 223 -15.72 -11.39 5.40
C VAL A 223 -16.09 -11.82 3.98
N GLU A 224 -17.20 -12.56 3.85
CA GLU A 224 -17.64 -13.22 2.64
C GLU A 224 -18.71 -12.47 1.87
N LYS A 225 -19.54 -11.69 2.55
CA LYS A 225 -20.67 -11.04 1.92
C LYS A 225 -21.09 -9.84 2.74
N ILE A 226 -21.49 -8.79 2.04
CA ILE A 226 -22.20 -7.68 2.65
C ILE A 226 -23.69 -7.99 2.55
N LEU A 227 -24.42 -7.82 3.66
CA LEU A 227 -25.85 -8.07 3.72
C LEU A 227 -26.60 -6.76 3.53
N PHE A 228 -27.73 -6.82 2.82
CA PHE A 228 -28.50 -5.64 2.50
C PHE A 228 -29.95 -5.79 2.95
N SER A 229 -30.61 -4.64 3.05
CA SER A 229 -32.02 -4.59 3.41
C SER A 229 -32.88 -5.25 2.35
N SER A 230 -34.02 -5.77 2.77
CA SER A 230 -34.97 -6.42 1.87
C SER A 230 -35.89 -5.39 1.20
N ASN A 234 -35.68 1.80 0.00
CA ASN A 234 -34.36 2.39 0.16
C ASN A 234 -33.32 1.30 0.46
N LEU A 235 -32.50 1.00 -0.55
CA LEU A 235 -31.49 -0.05 -0.41
C LEU A 235 -30.39 0.41 0.56
N SER A 236 -30.12 -0.43 1.57
CA SER A 236 -29.14 -0.11 2.60
C SER A 236 -28.30 -1.32 2.92
N ALA A 237 -27.01 -1.11 3.21
CA ALA A 237 -26.23 -2.16 3.84
C ALA A 237 -26.66 -2.32 5.29
N ILE A 238 -26.82 -3.56 5.74
CA ILE A 238 -27.23 -3.81 7.11
C ILE A 238 -26.22 -4.65 7.90
N GLY A 239 -25.25 -5.31 7.27
CA GLY A 239 -24.35 -6.16 8.03
C GLY A 239 -23.47 -6.98 7.11
N VAL A 240 -22.86 -8.02 7.68
CA VAL A 240 -21.92 -8.88 6.97
C VAL A 240 -22.04 -10.32 7.42
N ILE A 241 -21.60 -11.23 6.55
CA ILE A 241 -21.31 -12.62 6.88
C ILE A 241 -19.81 -12.81 6.86
N TYR A 242 -19.26 -13.44 7.91
CA TYR A 242 -17.85 -13.74 7.93
C TYR A 242 -17.64 -15.14 8.46
N THR A 243 -16.56 -15.79 8.02
CA THR A 243 -16.23 -17.12 8.51
C THR A 243 -14.95 -17.08 9.33
N ASP A 244 -14.84 -18.01 10.27
CA ASP A 244 -13.68 -18.08 11.16
C ASP A 244 -12.69 -19.13 10.65
N SER A 245 -11.60 -19.30 11.39
CA SER A 245 -10.52 -20.17 10.93
C SER A 245 -10.91 -21.64 10.93
N ASP A 246 -11.95 -22.01 11.68
CA ASP A 246 -12.50 -23.36 11.63
C ASP A 246 -13.49 -23.55 10.50
N GLY A 247 -13.85 -22.48 9.79
CA GLY A 247 -14.80 -22.53 8.71
C GLY A 247 -16.24 -22.23 9.08
N ASN A 248 -16.54 -22.01 10.36
CA ASN A 248 -17.91 -21.70 10.76
C ASN A 248 -18.25 -20.25 10.43
N SER A 249 -19.55 -20.01 10.18
CA SER A 249 -20.05 -18.73 9.73
C SER A 249 -20.62 -17.92 10.90
N HIS A 250 -20.62 -16.61 10.71
CA HIS A 250 -21.02 -15.64 11.72
C HIS A 250 -21.66 -14.45 11.02
N GLN A 251 -22.52 -13.73 11.75
CA GLN A 251 -23.16 -12.56 11.18
C GLN A 251 -23.11 -11.41 12.16
N ALA A 252 -22.84 -10.22 11.64
CA ALA A 252 -22.87 -9.01 12.44
C ALA A 252 -23.58 -7.91 11.68
N PHE A 253 -24.24 -7.01 12.40
CA PHE A 253 -25.09 -6.01 11.77
C PHE A 253 -24.75 -4.63 12.29
N VAL A 254 -25.14 -3.62 11.51
CA VAL A 254 -25.14 -2.24 11.99
C VAL A 254 -26.58 -1.87 12.35
N ARG A 255 -26.72 -0.81 13.14
CA ARG A 255 -28.00 -0.39 13.70
C ARG A 255 -28.19 1.11 13.49
N GLY A 256 -29.46 1.53 13.44
CA GLY A 256 -29.75 2.95 13.44
C GLY A 256 -29.10 3.67 12.29
N ASN A 257 -28.39 4.75 12.60
CA ASN A 257 -27.73 5.56 11.58
C ASN A 257 -26.31 5.12 11.31
N GLY A 258 -25.95 3.90 11.69
CA GLY A 258 -24.61 3.39 11.50
C GLY A 258 -24.36 2.86 10.10
N GLU A 259 -23.12 2.42 9.87
CA GLU A 259 -22.67 2.13 8.51
C GLU A 259 -21.66 1.00 8.49
N VAL A 260 -21.61 0.32 7.35
CA VAL A 260 -20.56 -0.64 7.00
C VAL A 260 -19.57 0.10 6.12
N ILE A 261 -18.28 -0.01 6.44
CA ILE A 261 -17.23 0.53 5.59
C ILE A 261 -16.31 -0.58 5.14
N VAL A 262 -16.08 -0.67 3.83
CA VAL A 262 -15.15 -1.63 3.27
C VAL A 262 -13.78 -0.99 3.15
N SER A 263 -12.78 -1.61 3.78
CA SER A 263 -11.39 -1.17 3.81
C SER A 263 -10.48 -2.35 3.51
N ALA A 264 -10.90 -3.19 2.56
CA ALA A 264 -10.23 -4.45 2.26
C ALA A 264 -9.16 -4.33 1.16
N GLY A 265 -8.82 -3.10 0.75
CA GLY A 265 -7.73 -2.87 -0.17
C GLY A 265 -8.17 -2.88 -1.62
N THR A 266 -7.21 -2.51 -2.48
CA THR A 266 -7.43 -2.49 -3.92
C THR A 266 -7.96 -3.81 -4.44
N ILE A 267 -7.47 -4.92 -3.90
CA ILE A 267 -7.92 -6.23 -4.35
C ILE A 267 -9.16 -6.68 -3.59
N GLY A 268 -9.15 -6.52 -2.26
CA GLY A 268 -10.22 -7.10 -1.46
C GLY A 268 -11.53 -6.35 -1.54
N THR A 269 -11.48 -5.04 -1.72
CA THR A 269 -12.75 -4.29 -1.73
C THR A 269 -13.57 -4.56 -2.99
N PRO A 270 -13.02 -4.49 -4.21
CA PRO A 270 -13.84 -4.85 -5.38
C PRO A 270 -14.28 -6.29 -5.34
N GLN A 271 -13.43 -7.20 -4.87
CA GLN A 271 -13.83 -8.61 -4.75
C GLN A 271 -15.08 -8.75 -3.90
N LEU A 272 -15.07 -8.14 -2.70
CA LEU A 272 -16.20 -8.29 -1.80
C LEU A 272 -17.44 -7.61 -2.36
N LEU A 273 -17.29 -6.44 -3.01
CA LEU A 273 -18.45 -5.79 -3.61
C LEU A 273 -19.06 -6.68 -4.69
N LEU A 274 -18.21 -7.25 -5.56
CA LEU A 274 -18.72 -8.11 -6.62
C LEU A 274 -19.43 -9.34 -6.05
N LEU A 275 -18.80 -10.01 -5.09
CA LEU A 275 -19.41 -11.17 -4.45
C LEU A 275 -20.77 -10.82 -3.86
N SER A 276 -20.95 -9.58 -3.40
CA SER A 276 -22.17 -9.14 -2.76
C SER A 276 -23.21 -8.60 -3.73
N GLY A 277 -22.97 -8.67 -5.03
CA GLY A 277 -23.93 -8.20 -6.01
C GLY A 277 -23.87 -6.72 -6.33
N VAL A 278 -22.75 -6.06 -6.04
CA VAL A 278 -22.57 -4.65 -6.38
C VAL A 278 -21.52 -4.60 -7.46
N GLY A 279 -21.93 -4.27 -8.68
CA GLY A 279 -21.02 -4.28 -9.78
C GLY A 279 -21.71 -4.33 -11.13
N PRO A 280 -20.95 -4.62 -12.18
CA PRO A 280 -21.49 -4.51 -13.54
C PRO A 280 -22.58 -5.53 -13.77
N GLU A 281 -23.71 -5.05 -14.29
CA GLU A 281 -24.93 -5.86 -14.38
C GLU A 281 -24.73 -7.09 -15.26
N SER A 282 -24.22 -6.90 -16.47
CA SER A 282 -24.11 -8.06 -17.35
C SER A 282 -23.03 -9.03 -16.84
N TYR A 283 -21.96 -8.52 -16.24
CA TYR A 283 -20.94 -9.39 -15.67
C TYR A 283 -21.49 -10.23 -14.52
N LEU A 284 -22.14 -9.58 -13.54
CA LEU A 284 -22.68 -10.34 -12.42
C LEU A 284 -23.76 -11.31 -12.89
N SER A 285 -24.62 -10.87 -13.82
CA SER A 285 -25.66 -11.76 -14.32
C SER A 285 -25.06 -12.97 -15.01
N SER A 286 -23.95 -12.78 -15.73
CA SER A 286 -23.29 -13.89 -16.41
C SER A 286 -22.72 -14.90 -15.42
N LEU A 287 -22.48 -14.51 -14.17
CA LEU A 287 -22.05 -15.42 -13.13
C LEU A 287 -23.22 -15.93 -12.28
N ASN A 288 -24.44 -15.52 -12.60
CA ASN A 288 -25.64 -15.83 -11.80
C ASN A 288 -25.50 -15.32 -10.36
N ILE A 289 -24.83 -14.20 -10.19
CA ILE A 289 -24.83 -13.47 -8.93
C ILE A 289 -25.97 -12.45 -9.01
N THR A 290 -26.93 -12.55 -8.10
CA THR A 290 -28.03 -11.61 -8.11
C THR A 290 -27.51 -10.18 -7.90
N VAL A 291 -27.93 -9.28 -8.79
CA VAL A 291 -27.48 -7.90 -8.73
C VAL A 291 -28.27 -7.17 -7.65
N VAL A 292 -27.55 -6.62 -6.68
CA VAL A 292 -28.14 -5.75 -5.67
C VAL A 292 -28.08 -4.29 -6.12
N GLN A 293 -26.96 -3.88 -6.70
CA GLN A 293 -26.78 -2.52 -7.17
C GLN A 293 -25.91 -2.54 -8.42
N PRO A 294 -26.47 -2.23 -9.59
CA PRO A 294 -25.65 -2.23 -10.81
C PRO A 294 -24.74 -1.02 -10.83
N ASN A 295 -23.48 -1.25 -11.13
CA ASN A 295 -22.49 -0.19 -11.30
C ASN A 295 -21.40 -0.72 -12.21
N PRO A 296 -21.21 -0.12 -13.38
CA PRO A 296 -20.29 -0.71 -14.37
C PRO A 296 -18.82 -0.56 -14.01
N TYR A 297 -18.49 0.08 -12.89
CA TYR A 297 -17.11 0.42 -12.59
C TYR A 297 -16.50 -0.34 -11.41
N VAL A 298 -17.25 -1.21 -10.74
CA VAL A 298 -16.67 -1.97 -9.63
C VAL A 298 -15.64 -2.94 -10.18
N GLY A 299 -14.41 -2.83 -9.69
CA GLY A 299 -13.32 -3.62 -10.22
C GLY A 299 -12.71 -3.06 -11.49
N GLN A 300 -13.19 -1.93 -11.99
CA GLN A 300 -12.59 -1.28 -13.13
C GLN A 300 -11.66 -0.17 -12.66
N PHE A 301 -10.76 0.25 -13.56
CA PHE A 301 -9.79 1.31 -13.27
C PHE A 301 -8.91 0.92 -12.08
N VAL A 302 -8.22 -0.21 -12.27
CA VAL A 302 -7.25 -0.73 -11.31
C VAL A 302 -5.86 -0.49 -11.88
N TYR A 303 -4.99 0.13 -11.08
CA TYR A 303 -3.72 0.69 -11.52
C TYR A 303 -2.55 0.08 -10.74
N ASP A 304 -1.41 -0.11 -11.40
CA ASP A 304 -0.17 -0.46 -10.69
C ASP A 304 0.97 0.36 -11.27
N ASN A 305 1.49 1.30 -10.48
CA ASN A 305 2.61 2.12 -10.94
C ASN A 305 3.82 1.24 -11.24
N PRO A 306 4.37 1.30 -12.44
CA PRO A 306 5.55 0.49 -12.78
C PRO A 306 6.76 0.81 -11.91
N ARG A 307 7.51 -0.23 -11.56
CA ARG A 307 8.85 -0.09 -11.00
C ARG A 307 9.85 -0.61 -12.03
N ASN A 308 10.84 0.22 -12.35
CA ASN A 308 11.97 -0.25 -13.16
C ASN A 308 13.25 0.04 -12.40
N PHE A 309 14.30 -0.70 -12.74
CA PHE A 309 15.43 -0.75 -11.83
C PHE A 309 16.66 -1.32 -12.54
N ILE A 310 17.82 -1.03 -11.96
CA ILE A 310 19.04 -1.79 -12.20
C ILE A 310 19.61 -2.16 -10.85
N ASN A 311 20.49 -3.17 -10.84
CA ASN A 311 21.14 -3.64 -9.62
C ASN A 311 22.64 -3.58 -9.80
N ILE A 312 23.35 -2.91 -8.91
CA ILE A 312 24.81 -2.91 -9.00
C ILE A 312 25.42 -3.71 -7.86
N LEU A 313 26.54 -4.36 -8.16
CA LEU A 313 27.28 -5.18 -7.21
C LEU A 313 28.62 -4.51 -6.95
N PRO A 314 28.76 -3.72 -5.88
CA PRO A 314 30.02 -3.02 -5.66
C PRO A 314 31.14 -3.99 -5.33
N PRO A 315 32.39 -3.64 -5.65
CA PRO A 315 33.52 -4.54 -5.37
C PRO A 315 33.87 -4.63 -3.89
N ASN A 316 33.37 -3.74 -3.06
CA ASN A 316 33.50 -3.79 -1.61
C ASN A 316 32.11 -3.79 -1.00
N PRO A 317 31.92 -4.43 0.16
CA PRO A 317 30.57 -4.51 0.73
C PRO A 317 29.99 -3.13 1.02
N ILE A 318 28.69 -3.00 0.80
CA ILE A 318 27.94 -1.83 1.24
C ILE A 318 26.98 -2.27 2.34
N GLU A 319 26.55 -1.29 3.15
CA GLU A 319 25.67 -1.56 4.29
C GLU A 319 24.23 -1.59 3.83
N ALA A 320 23.50 -2.62 4.27
CA ALA A 320 22.07 -2.69 4.00
C ALA A 320 21.36 -1.51 4.64
N SER A 321 20.27 -1.07 4.01
CA SER A 321 19.56 0.11 4.46
C SER A 321 18.08 -0.07 4.22
N VAL A 322 17.28 0.73 4.92
CA VAL A 322 15.88 0.95 4.53
C VAL A 322 15.81 2.24 3.75
N VAL A 323 14.85 2.30 2.82
CA VAL A 323 14.71 3.47 1.95
C VAL A 323 14.24 4.66 2.76
N THR A 324 15.01 5.75 2.67
CA THR A 324 14.65 7.01 3.32
C THR A 324 14.92 8.23 2.46
N VAL A 325 15.72 8.12 1.41
CA VAL A 325 16.14 9.26 0.61
C VAL A 325 15.50 9.16 -0.77
N LEU A 326 14.74 10.18 -1.14
CA LEU A 326 13.88 10.17 -2.32
C LEU A 326 14.33 11.24 -3.29
N GLY A 327 14.36 10.90 -4.57
CA GLY A 327 14.60 11.85 -5.64
C GLY A 327 13.35 12.02 -6.50
N ILE A 328 12.73 13.19 -6.43
CA ILE A 328 11.38 13.40 -6.95
C ILE A 328 11.42 14.40 -8.10
N ARG A 329 10.84 13.99 -9.23
CA ARG A 329 10.44 14.87 -10.33
C ARG A 329 8.97 14.60 -10.62
N SER A 330 8.36 15.48 -11.42
CA SER A 330 6.96 15.26 -11.78
C SER A 330 6.76 13.99 -12.59
N ASP A 331 7.77 13.57 -13.36
CA ASP A 331 7.60 12.42 -14.25
C ASP A 331 8.29 11.15 -13.77
N TYR A 332 8.95 11.15 -12.60
CA TYR A 332 9.53 9.93 -12.05
C TYR A 332 9.92 10.16 -10.59
N TYR A 333 9.79 9.10 -9.78
CA TYR A 333 10.14 9.13 -8.37
C TYR A 333 11.16 8.04 -8.13
N GLN A 334 12.31 8.40 -7.58
CA GLN A 334 13.44 7.46 -7.56
C GLN A 334 13.97 7.25 -6.14
N VAL A 335 14.40 6.01 -5.86
CA VAL A 335 15.00 5.63 -4.58
C VAL A 335 16.02 4.54 -4.83
N SER A 336 16.73 4.13 -3.77
CA SER A 336 17.56 2.93 -3.84
C SER A 336 17.53 2.20 -2.51
N LEU A 337 17.44 0.87 -2.61
CA LEU A 337 17.56 -0.03 -1.47
C LEU A 337 18.90 -0.74 -1.58
N SER A 338 19.63 -0.84 -0.46
CA SER A 338 20.82 -1.69 -0.42
C SER A 338 20.50 -2.94 0.39
N SER A 339 21.02 -4.08 -0.06
CA SER A 339 20.58 -5.36 0.48
C SER A 339 21.77 -6.32 0.61
N LEU A 340 21.68 -7.19 1.62
CA LEU A 340 22.53 -8.36 1.69
C LEU A 340 22.21 -9.32 0.55
N PRO A 341 23.12 -10.22 0.21
CA PRO A 341 22.81 -11.26 -0.78
C PRO A 341 21.79 -12.25 -0.22
N PHE A 342 21.24 -13.07 -1.11
CA PHE A 342 20.32 -14.11 -0.67
C PHE A 342 20.31 -15.25 -1.66
N SER A 343 19.95 -16.43 -1.17
CA SER A 343 19.76 -17.60 -2.01
C SER A 343 18.29 -17.98 -2.16
N THR A 344 17.41 -17.45 -1.31
CA THR A 344 15.97 -17.51 -1.51
C THR A 344 15.51 -16.11 -1.86
N PRO A 345 14.87 -15.88 -3.00
CA PRO A 345 14.49 -14.51 -3.35
C PRO A 345 13.32 -14.04 -2.53
N PRO A 346 13.30 -12.75 -2.17
CA PRO A 346 12.07 -12.16 -1.65
C PRO A 346 11.06 -12.05 -2.79
N PHE A 347 9.94 -12.77 -2.66
CA PHE A 347 8.98 -12.84 -3.74
C PHE A 347 8.48 -11.45 -4.12
N SER A 348 8.53 -11.15 -5.42
CA SER A 348 8.09 -9.94 -6.10
C SER A 348 9.10 -8.77 -6.01
N LEU A 349 10.20 -8.88 -5.26
CA LEU A 349 11.27 -7.91 -5.42
C LEU A 349 11.70 -7.86 -6.88
N PHE A 350 11.92 -9.02 -7.47
CA PHE A 350 12.08 -9.11 -8.90
C PHE A 350 10.81 -9.71 -9.52
N PRO A 351 10.52 -9.42 -10.79
CA PRO A 351 9.17 -9.67 -11.30
C PRO A 351 8.87 -11.14 -11.57
N THR A 352 9.89 -11.99 -11.55
CA THR A 352 9.75 -13.41 -11.82
C THR A 352 10.60 -14.19 -10.83
N THR A 353 10.23 -15.46 -10.62
CA THR A 353 11.00 -16.31 -9.73
C THR A 353 12.32 -16.78 -10.34
N SER A 354 12.51 -16.64 -11.66
CA SER A 354 13.71 -17.14 -12.32
C SER A 354 14.78 -16.06 -12.51
N TYR A 355 14.80 -15.08 -11.67
CA TYR A 355 15.75 -13.98 -11.72
C TYR A 355 17.08 -14.39 -11.09
N PRO A 356 18.21 -13.89 -11.61
CA PRO A 356 19.50 -14.26 -11.04
C PRO A 356 19.63 -13.83 -9.59
N LEU A 357 20.29 -14.68 -8.78
CA LEU A 357 20.46 -14.47 -7.35
C LEU A 357 21.76 -13.72 -7.07
N PRO A 358 21.74 -12.71 -6.21
CA PRO A 358 22.98 -12.01 -5.85
C PRO A 358 23.80 -12.77 -4.82
N ASN A 359 25.11 -12.83 -5.06
CA ASN A 359 26.03 -13.53 -4.16
C ASN A 359 26.82 -12.58 -3.26
N SER A 360 26.65 -11.27 -3.41
CA SER A 360 27.28 -10.27 -2.56
C SER A 360 26.27 -9.13 -2.37
N THR A 361 26.65 -8.14 -1.56
CA THR A 361 25.75 -7.02 -1.31
C THR A 361 25.48 -6.26 -2.60
N PHE A 362 24.28 -5.69 -2.71
CA PHE A 362 23.93 -5.02 -3.94
C PHE A 362 23.04 -3.83 -3.64
N ALA A 363 23.02 -2.90 -4.59
CA ALA A 363 22.14 -1.74 -4.54
C ALA A 363 21.11 -1.89 -5.63
N HIS A 364 19.84 -1.88 -5.23
CA HIS A 364 18.69 -1.91 -6.12
C HIS A 364 18.30 -0.45 -6.35
N ILE A 365 18.49 0.04 -7.57
CA ILE A 365 18.33 1.46 -7.89
C ILE A 365 17.09 1.59 -8.76
N VAL A 366 16.13 2.41 -8.34
CA VAL A 366 14.73 2.24 -8.74
C VAL A 366 14.12 3.55 -9.22
N SER A 367 13.23 3.44 -10.20
CA SER A 367 12.40 4.55 -10.64
C SER A 367 10.94 4.12 -10.77
N GLN A 368 10.03 5.04 -10.41
CA GLN A 368 8.60 4.81 -10.39
C GLN A 368 7.93 5.72 -11.40
N VAL A 369 7.03 5.15 -12.21
CA VAL A 369 6.23 5.92 -13.16
C VAL A 369 5.01 6.50 -12.44
N PRO A 370 4.76 7.80 -12.53
CA PRO A 370 3.57 8.39 -11.90
C PRO A 370 2.30 8.05 -12.65
N GLY A 371 1.18 8.13 -11.92
CA GLY A 371 -0.12 7.80 -12.46
C GLY A 371 -0.55 6.45 -11.93
N PRO A 372 -0.33 5.39 -12.73
CA PRO A 372 0.05 5.45 -14.13
C PRO A 372 -1.20 5.73 -14.95
N LEU A 373 -1.07 5.93 -16.25
CA LEU A 373 -2.25 6.13 -17.08
C LEU A 373 -2.84 4.82 -17.58
N SER A 374 -2.02 3.78 -17.68
CA SER A 374 -2.51 2.45 -18.01
C SER A 374 -3.32 1.89 -16.86
N HIS A 375 -4.38 1.16 -17.17
CA HIS A 375 -5.20 0.56 -16.11
C HIS A 375 -5.79 -0.76 -16.59
N GLY A 376 -6.16 -1.57 -15.61
CA GLY A 376 -6.83 -2.82 -15.87
C GLY A 376 -7.98 -3.03 -14.91
N SER A 377 -8.13 -4.25 -14.40
CA SER A 377 -9.35 -4.59 -13.66
C SER A 377 -9.12 -5.74 -12.70
N VAL A 378 -10.05 -5.86 -11.76
CA VAL A 378 -10.20 -7.00 -10.86
C VAL A 378 -11.48 -7.72 -11.23
N THR A 379 -11.40 -9.04 -11.44
CA THR A 379 -12.59 -9.87 -11.65
C THR A 379 -12.53 -11.08 -10.75
N LEU A 380 -13.68 -11.71 -10.54
CA LEU A 380 -13.73 -12.86 -9.63
C LEU A 380 -13.14 -14.10 -10.30
N ASN A 381 -12.41 -14.88 -9.50
CA ASN A 381 -12.01 -16.23 -9.90
C ASN A 381 -13.00 -17.26 -9.41
N SER A 382 -13.57 -17.04 -8.23
CA SER A 382 -14.67 -17.82 -7.69
C SER A 382 -15.85 -16.91 -7.46
N SER A 383 -17.05 -17.36 -7.84
CA SER A 383 -18.24 -16.56 -7.57
C SER A 383 -18.76 -16.74 -6.15
N SER A 384 -18.09 -17.54 -5.30
CA SER A 384 -18.61 -17.75 -3.95
C SER A 384 -17.55 -17.58 -2.86
N ASP A 385 -16.29 -17.93 -3.13
CA ASP A 385 -15.27 -18.13 -2.09
C ASP A 385 -14.35 -16.92 -2.03
N VAL A 386 -14.45 -16.14 -0.93
CA VAL A 386 -13.62 -14.93 -0.82
C VAL A 386 -12.17 -15.27 -0.55
N ARG A 387 -11.86 -16.51 -0.14
CA ARG A 387 -10.48 -16.89 0.10
C ARG A 387 -9.74 -17.23 -1.18
N ILE A 388 -10.46 -17.38 -2.29
CA ILE A 388 -9.85 -17.57 -3.61
C ILE A 388 -9.55 -16.19 -4.17
N ALA A 389 -8.28 -15.92 -4.45
CA ALA A 389 -7.89 -14.59 -4.86
C ALA A 389 -8.52 -14.24 -6.20
N PRO A 390 -8.93 -12.99 -6.40
CA PRO A 390 -9.46 -12.60 -7.71
C PRO A 390 -8.37 -12.52 -8.77
N ASN A 391 -8.82 -12.49 -10.01
CA ASN A 391 -7.93 -12.18 -11.13
C ASN A 391 -7.66 -10.69 -11.15
N ILE A 392 -6.41 -10.31 -11.44
CA ILE A 392 -6.07 -8.89 -11.50
C ILE A 392 -5.11 -8.68 -12.65
N LYS A 393 -5.38 -7.67 -13.47
CA LYS A 393 -4.53 -7.32 -14.61
C LYS A 393 -4.34 -5.82 -14.60
N PHE A 394 -3.10 -5.38 -14.80
CA PHE A 394 -2.78 -3.95 -14.74
C PHE A 394 -2.49 -3.33 -16.10
N ASN A 395 -2.24 -4.12 -17.14
CA ASN A 395 -1.94 -3.63 -18.49
C ASN A 395 -0.78 -2.64 -18.50
N TYR A 396 0.33 -3.03 -17.86
CA TYR A 396 1.52 -2.19 -17.81
C TYR A 396 1.91 -1.67 -19.19
N TYR A 397 2.13 -0.36 -19.25
CA TYR A 397 2.65 0.32 -20.45
C TYR A 397 1.73 0.21 -21.65
N SER A 398 0.42 -0.04 -21.42
CA SER A 398 -0.53 0.03 -22.54
C SER A 398 -0.73 1.45 -22.99
N ASN A 399 -0.47 2.43 -22.12
CA ASN A 399 -0.59 3.84 -22.44
C ASN A 399 0.80 4.40 -22.72
N SER A 400 0.98 4.98 -23.91
CA SER A 400 2.30 5.42 -24.35
C SER A 400 2.91 6.50 -23.45
N THR A 401 2.10 7.28 -22.74
CA THR A 401 2.66 8.28 -21.85
C THR A 401 3.45 7.62 -20.73
N ASP A 402 2.93 6.51 -20.20
CA ASP A 402 3.66 5.76 -19.18
C ASP A 402 5.03 5.33 -19.68
N LEU A 403 5.08 4.82 -20.91
CA LEU A 403 6.35 4.35 -21.47
C LEU A 403 7.31 5.50 -21.64
N ALA A 404 6.84 6.63 -22.16
CA ALA A 404 7.69 7.81 -22.29
C ALA A 404 8.23 8.25 -20.93
N ASN A 405 7.42 8.13 -19.88
CA ASN A 405 7.90 8.57 -18.57
C ASN A 405 8.95 7.62 -18.02
N CYS A 406 8.79 6.31 -18.26
CA CYS A 406 9.83 5.37 -17.88
C CYS A 406 11.14 5.66 -18.60
N VAL A 407 11.05 6.00 -19.90
CA VAL A 407 12.27 6.34 -20.64
C VAL A 407 12.99 7.51 -19.97
N SER A 408 12.24 8.55 -19.56
CA SER A 408 12.86 9.68 -18.88
C SER A 408 13.51 9.24 -17.58
N GLY A 409 12.82 8.40 -16.80
CA GLY A 409 13.39 7.96 -15.54
C GLY A 409 14.62 7.10 -15.71
N MET A 410 14.62 6.23 -16.72
CA MET A 410 15.78 5.38 -16.97
C MET A 410 16.98 6.22 -17.41
N LYS A 411 16.74 7.26 -18.20
CA LYS A 411 17.84 8.16 -18.56
C LYS A 411 18.41 8.85 -17.32
N LYS A 412 17.53 9.26 -16.39
CA LYS A 412 18.02 9.88 -15.18
C LYS A 412 18.77 8.88 -14.30
N LEU A 413 18.37 7.60 -14.31
CA LEU A 413 19.16 6.58 -13.62
C LEU A 413 20.54 6.45 -14.26
N GLY A 414 20.61 6.58 -15.59
CA GLY A 414 21.91 6.65 -16.25
C GLY A 414 22.75 7.81 -15.74
N ASP A 415 22.13 8.99 -15.64
CA ASP A 415 22.83 10.14 -15.06
C ASP A 415 23.35 9.81 -13.66
N LEU A 416 22.51 9.14 -12.86
CA LEU A 416 22.90 8.86 -11.48
C LEU A 416 24.11 7.95 -11.42
N LEU A 417 24.15 6.93 -12.28
CA LEU A 417 25.29 6.01 -12.31
C LEU A 417 26.58 6.71 -12.74
N ARG A 418 26.47 7.87 -13.39
CA ARG A 418 27.63 8.62 -13.86
C ARG A 418 28.14 9.66 -12.87
N THR A 419 27.53 9.77 -11.70
CA THR A 419 27.93 10.77 -10.73
C THR A 419 29.24 10.40 -10.05
N LYS A 420 29.97 11.42 -9.60
CA LYS A 420 31.09 11.17 -8.69
C LYS A 420 30.64 10.41 -7.46
N ALA A 421 29.42 10.66 -6.97
CA ALA A 421 28.94 9.98 -5.78
C ALA A 421 28.96 8.47 -5.93
N LEU A 422 28.62 7.97 -7.11
CA LEU A 422 28.50 6.53 -7.34
C LEU A 422 29.78 5.91 -7.88
N GLU A 423 30.74 6.73 -8.29
CA GLU A 423 32.01 6.22 -8.82
C GLU A 423 32.72 5.21 -7.92
N PRO A 424 32.78 5.37 -6.59
CA PRO A 424 33.52 4.40 -5.76
C PRO A 424 32.93 3.00 -5.76
N TYR A 425 31.76 2.80 -6.34
CA TYR A 425 31.07 1.52 -6.32
C TYR A 425 31.18 0.79 -7.65
N LYS A 426 31.96 1.32 -8.58
CA LYS A 426 32.30 0.61 -9.80
C LYS A 426 33.36 -0.44 -9.53
N ALA A 427 33.28 -1.54 -10.29
CA ALA A 427 34.26 -2.60 -10.18
C ALA A 427 35.50 -2.31 -11.02
N ARG A 428 35.34 -1.55 -12.09
CA ARG A 428 36.44 -1.16 -12.97
C ARG A 428 36.46 0.36 -13.10
N ASP A 429 37.66 0.94 -12.96
CA ASP A 429 37.85 2.38 -13.02
C ASP A 429 37.95 2.87 -14.48
N VAL A 430 36.92 2.54 -15.25
CA VAL A 430 36.81 2.98 -16.63
C VAL A 430 35.86 4.17 -16.70
N LEU A 431 35.79 4.81 -17.87
CA LEU A 431 35.03 6.06 -17.98
C LEU A 431 33.52 5.84 -17.98
N GLY A 432 33.05 4.73 -18.55
CA GLY A 432 31.63 4.52 -18.71
C GLY A 432 30.99 3.72 -17.58
N ILE A 433 29.65 3.64 -17.63
CA ILE A 433 28.92 2.89 -16.60
C ILE A 433 29.02 1.40 -16.78
N ASP A 434 29.65 0.90 -17.86
CA ASP A 434 29.94 -0.52 -17.90
C ASP A 434 31.03 -0.92 -16.90
N GLY A 435 31.62 0.05 -16.17
CA GLY A 435 32.52 -0.28 -15.09
C GLY A 435 31.84 -0.81 -13.84
N PHE A 436 30.51 -0.67 -13.75
CA PHE A 436 29.78 -1.34 -12.68
C PHE A 436 29.58 -2.81 -13.04
N ASN A 437 29.53 -3.65 -12.02
CA ASN A 437 29.02 -5.01 -12.17
C ASN A 437 27.52 -5.00 -11.88
N TYR A 438 26.74 -5.63 -12.75
CA TYR A 438 25.28 -5.62 -12.63
C TYR A 438 24.74 -7.00 -12.29
N LEU A 439 23.70 -7.03 -11.47
CA LEU A 439 22.85 -8.21 -11.31
C LEU A 439 21.64 -8.00 -12.22
N GLY A 440 21.44 -8.91 -13.16
CA GLY A 440 20.34 -8.72 -14.09
C GLY A 440 20.73 -7.79 -15.24
N VAL A 441 19.71 -7.21 -15.87
CA VAL A 441 19.89 -6.46 -17.12
C VAL A 441 20.41 -5.06 -16.81
N PRO A 442 21.52 -4.63 -17.39
CA PRO A 442 21.95 -3.24 -17.23
C PRO A 442 21.18 -2.29 -18.15
N LEU A 443 21.37 -0.98 -17.92
CA LEU A 443 20.82 -0.01 -18.86
C LEU A 443 21.45 -0.20 -20.22
N PRO A 444 20.69 0.05 -21.31
CA PRO A 444 21.22 -0.07 -22.68
C PRO A 444 22.38 0.89 -22.96
N THR A 448 22.04 5.05 -26.75
CA THR A 448 21.02 5.71 -25.93
C THR A 448 19.98 6.32 -26.89
N ASP A 449 19.53 5.49 -27.83
CA ASP A 449 18.34 5.79 -28.61
C ASP A 449 17.11 5.43 -27.79
N ASP A 450 16.01 6.15 -28.03
CA ASP A 450 14.82 5.95 -27.22
C ASP A 450 14.28 4.53 -27.34
N ALA A 451 14.50 3.88 -28.49
CA ALA A 451 13.95 2.54 -28.71
C ALA A 451 14.57 1.50 -27.79
N SER A 452 15.85 1.63 -27.43
CA SER A 452 16.44 0.65 -26.53
C SER A 452 15.94 0.84 -25.12
N PHE A 453 15.66 2.08 -24.72
CA PHE A 453 15.08 2.34 -23.41
C PHE A 453 13.64 1.86 -23.32
N GLU A 454 12.88 2.01 -24.40
CA GLU A 454 11.51 1.49 -24.42
C GLU A 454 11.50 -0.02 -24.21
N THR A 455 12.36 -0.73 -24.94
CA THR A 455 12.46 -2.18 -24.76
C THR A 455 12.84 -2.54 -23.33
N PHE A 456 13.83 -1.84 -22.77
CA PHE A 456 14.23 -2.10 -21.39
C PHE A 456 13.06 -1.89 -20.43
N CYS A 457 12.33 -0.78 -20.61
CA CYS A 457 11.19 -0.49 -19.73
C CYS A 457 10.14 -1.59 -19.81
N LEU A 458 9.82 -2.04 -21.03
CA LEU A 458 8.78 -3.05 -21.20
C LEU A 458 9.22 -4.40 -20.67
N ASP A 459 10.47 -4.80 -20.92
CA ASP A 459 10.90 -6.16 -20.62
C ASP A 459 11.17 -6.37 -19.14
N ASN A 460 11.57 -5.32 -18.43
CA ASN A 460 12.12 -5.50 -17.09
C ASN A 460 11.26 -4.84 -16.02
N VAL A 461 9.98 -4.59 -16.34
CA VAL A 461 9.08 -3.94 -15.39
C VAL A 461 8.75 -4.88 -14.23
N ALA A 462 8.56 -4.29 -13.05
CA ALA A 462 8.12 -4.98 -11.86
C ALA A 462 7.05 -4.13 -11.20
N SER A 463 6.39 -4.67 -10.19
CA SER A 463 5.41 -3.88 -9.45
C SER A 463 6.11 -2.96 -8.45
N TYR A 464 5.64 -1.71 -8.36
CA TYR A 464 6.09 -0.89 -7.24
C TYR A 464 5.36 -1.22 -5.95
N TRP A 465 4.32 -2.05 -6.01
CA TRP A 465 3.51 -2.49 -4.89
C TRP A 465 2.51 -1.42 -4.48
N HIS A 466 2.42 -0.32 -5.22
CA HIS A 466 1.58 0.81 -4.85
C HIS A 466 0.31 0.84 -5.67
N TYR A 467 -0.29 -0.34 -5.87
CA TYR A 467 -1.47 -0.42 -6.72
C TYR A 467 -2.69 0.19 -6.03
N HIS A 468 -3.62 0.66 -6.85
CA HIS A 468 -4.74 1.45 -6.35
C HIS A 468 -5.86 1.37 -7.37
N GLY A 469 -7.07 1.75 -6.94
CA GLY A 469 -8.23 1.77 -7.82
C GLY A 469 -9.14 0.58 -7.62
N GLY A 470 -10.20 0.53 -8.46
CA GLY A 470 -11.20 -0.51 -8.42
C GLY A 470 -12.51 -0.12 -7.79
N SER A 471 -12.54 0.96 -7.00
CA SER A 471 -13.77 1.48 -6.40
C SER A 471 -13.64 3.00 -6.34
N LEU A 472 -13.46 3.63 -7.50
CA LEU A 472 -13.02 5.01 -7.54
C LEU A 472 -14.08 5.99 -7.06
N VAL A 473 -13.62 7.01 -6.32
CA VAL A 473 -14.41 8.22 -6.16
C VAL A 473 -14.72 8.78 -7.55
N GLY A 474 -16.01 9.04 -7.79
CA GLY A 474 -16.46 9.53 -9.07
C GLY A 474 -16.94 8.44 -10.02
N LYS A 475 -16.74 7.18 -9.67
CA LYS A 475 -17.21 6.05 -10.48
C LYS A 475 -18.09 5.13 -9.66
N VAL A 476 -17.60 4.67 -8.51
CA VAL A 476 -18.37 3.84 -7.58
C VAL A 476 -18.81 4.67 -6.37
N LEU A 477 -17.98 5.63 -5.95
CA LEU A 477 -18.22 6.40 -4.73
C LEU A 477 -18.48 7.88 -5.01
N ASP A 478 -19.22 8.52 -4.11
CA ASP A 478 -19.32 9.97 -4.12
C ASP A 478 -18.16 10.58 -3.34
N ASP A 479 -18.17 11.92 -3.21
CA ASP A 479 -17.06 12.65 -2.59
C ASP A 479 -16.99 12.46 -1.08
N SER A 480 -17.98 11.80 -0.46
CA SER A 480 -17.93 11.38 0.93
C SER A 480 -17.61 9.90 1.09
N PHE A 481 -17.20 9.25 0.00
CA PHE A 481 -16.78 7.85 -0.02
C PHE A 481 -17.95 6.88 0.16
N ARG A 482 -19.18 7.37 -0.04
CA ARG A 482 -20.36 6.51 -0.03
C ARG A 482 -20.51 5.78 -1.35
N VAL A 483 -20.88 4.50 -1.28
CA VAL A 483 -21.20 3.74 -2.49
C VAL A 483 -22.49 4.29 -3.07
N MET A 484 -22.41 4.80 -4.30
CA MET A 484 -23.57 5.48 -4.86
C MET A 484 -24.74 4.51 -5.01
N GLY A 485 -25.92 4.94 -4.56
CA GLY A 485 -27.11 4.14 -4.65
C GLY A 485 -27.40 3.27 -3.45
N ILE A 486 -26.48 3.18 -2.50
CA ILE A 486 -26.63 2.32 -1.33
C ILE A 486 -26.44 3.17 -0.07
N LYS A 487 -27.41 3.12 0.83
CA LYS A 487 -27.25 3.77 2.13
C LYS A 487 -26.40 2.93 3.06
N ALA A 488 -25.70 3.62 3.97
CA ALA A 488 -24.96 3.00 5.07
C ALA A 488 -23.82 2.10 4.57
N LEU A 489 -23.22 2.44 3.43
CA LEU A 489 -22.08 1.68 2.91
C LEU A 489 -21.05 2.64 2.35
N ARG A 490 -19.81 2.53 2.83
CA ARG A 490 -18.71 3.36 2.34
C ARG A 490 -17.52 2.47 2.03
N VAL A 491 -16.55 3.04 1.33
CA VAL A 491 -15.27 2.39 1.01
C VAL A 491 -14.17 3.37 1.34
N VAL A 492 -13.18 2.94 2.14
CA VAL A 492 -12.04 3.80 2.48
C VAL A 492 -10.77 2.94 2.49
N ASP A 493 -9.94 3.10 1.47
CA ASP A 493 -8.67 2.39 1.30
C ASP A 493 -8.10 2.79 -0.05
N ALA A 494 -7.07 2.09 -0.54
CA ALA A 494 -6.45 2.51 -1.78
C ALA A 494 -7.26 2.15 -3.03
N SER A 495 -8.44 1.54 -2.90
CA SER A 495 -9.27 1.32 -4.09
C SER A 495 -9.94 2.60 -4.59
N THR A 496 -9.79 3.72 -3.87
CA THR A 496 -10.64 4.88 -4.08
C THR A 496 -10.09 5.93 -5.05
N PHE A 497 -8.80 5.89 -5.40
CA PHE A 497 -8.24 6.93 -6.26
C PHE A 497 -7.52 6.34 -7.46
N PRO A 498 -7.58 7.03 -8.61
CA PRO A 498 -6.97 6.53 -9.84
C PRO A 498 -5.53 6.96 -10.07
N TYR A 499 -5.01 7.86 -9.26
CA TYR A 499 -3.61 8.27 -9.33
C TYR A 499 -3.03 8.24 -7.93
N GLU A 500 -1.70 8.22 -7.86
CA GLU A 500 -1.03 8.25 -6.57
C GLU A 500 -1.21 9.60 -5.89
N PRO A 501 -1.22 9.62 -4.56
CA PRO A 501 -1.12 10.90 -3.84
C PRO A 501 0.30 11.41 -3.76
N ASN A 502 1.29 10.57 -4.04
CA ASN A 502 2.72 10.84 -3.86
C ASN A 502 3.51 9.60 -4.24
N SER A 503 4.82 9.58 -3.96
CA SER A 503 5.63 8.43 -4.33
C SER A 503 5.40 7.23 -3.44
N HIS A 504 4.90 7.44 -2.23
CA HIS A 504 4.79 6.40 -1.21
C HIS A 504 3.50 6.68 -0.45
N PRO A 505 2.43 5.95 -0.75
CA PRO A 505 1.08 6.38 -0.37
C PRO A 505 0.61 5.95 1.02
N GLN A 506 1.38 5.19 1.81
CA GLN A 506 0.84 4.72 3.07
C GLN A 506 0.46 5.89 3.97
N GLY A 507 1.25 6.97 3.95
CA GLY A 507 0.92 8.12 4.79
C GLY A 507 -0.43 8.73 4.44
N PHE A 508 -0.73 8.81 3.14
CA PHE A 508 -2.03 9.33 2.74
C PHE A 508 -3.16 8.42 3.19
N TYR A 509 -3.00 7.09 3.03
CA TYR A 509 -4.11 6.19 3.36
C TYR A 509 -4.27 5.98 4.86
N LEU A 510 -3.19 6.13 5.64
CA LEU A 510 -3.33 6.20 7.10
C LEU A 510 -4.15 7.41 7.50
N MET A 511 -3.78 8.59 6.97
CA MET A 511 -4.54 9.80 7.21
C MET A 511 -5.99 9.63 6.80
N LEU A 512 -6.23 9.06 5.61
CA LEU A 512 -7.57 9.00 5.05
C LEU A 512 -8.51 8.22 5.96
N GLY A 513 -8.01 7.13 6.57
CA GLY A 513 -8.87 6.33 7.44
C GLY A 513 -9.44 7.16 8.56
N ARG A 514 -8.59 7.91 9.26
CA ARG A 514 -9.09 8.75 10.34
C ARG A 514 -9.92 9.90 9.79
N TYR A 515 -9.45 10.53 8.71
CA TYR A 515 -10.16 11.68 8.15
C TYR A 515 -11.60 11.32 7.80
N VAL A 516 -11.82 10.19 7.10
CA VAL A 516 -13.20 9.86 6.74
C VAL A 516 -13.97 9.47 7.99
N GLY A 517 -13.32 8.85 8.97
CA GLY A 517 -14.00 8.59 10.24
C GLY A 517 -14.52 9.86 10.88
N LEU A 518 -13.70 10.93 10.84
CA LEU A 518 -14.13 12.20 11.41
C LEU A 518 -15.28 12.80 10.61
N GLN A 519 -15.24 12.66 9.28
CA GLN A 519 -16.33 13.15 8.46
C GLN A 519 -17.62 12.40 8.76
N ILE A 520 -17.53 11.08 8.98
CA ILE A 520 -18.70 10.30 9.36
C ILE A 520 -19.27 10.83 10.68
N LEU A 521 -18.40 11.02 11.67
CA LEU A 521 -18.87 11.50 12.97
C LEU A 521 -19.48 12.89 12.86
N GLN A 522 -18.88 13.76 12.04
CA GLN A 522 -19.44 15.11 11.88
C GLN A 522 -20.77 15.09 11.17
N GLU A 523 -20.88 14.32 10.08
CA GLU A 523 -22.17 14.18 9.40
C GLU A 523 -23.24 13.74 10.37
N ARG A 524 -22.87 12.81 11.23
CA ARG A 524 -23.88 12.21 12.11
C ARG A 524 -24.28 13.17 13.24
N SER A 525 -23.38 14.01 13.71
CA SER A 525 -23.68 14.92 14.81
C SER A 525 -24.64 16.02 14.37
#